data_5H03
#
_entry.id   5H03
#
_cell.length_a   69.847
_cell.length_b   94.002
_cell.length_c   121.059
_cell.angle_alpha   90.000
_cell.angle_beta   90.000
_cell.angle_gamma   90.000
#
_symmetry.space_group_name_H-M   'I 2 2 2'
#
loop_
_entity.id
_entity.type
_entity.pdbx_description
1 polymer 'Binary enterotoxin of Clostridium perfringens component a'
2 water water
#
_entity_poly.entity_id   1
_entity_poly.type   'polypeptide(L)'
_entity_poly.pdbx_seq_one_letter_code
;MLDDNRPMDFAKDKNSATLWAKKRKQVWLNNLSKAESTSINNYIKNSSEINSYSIKKKFALDNYEGIETLNEDLKNISTA
VKKSMLTKPLYVYYYEANDKFGFNQNLESSLDSNIIDEEAINNFAKKISDTNFIQDGFKDVTMTEPDINSKLPILVHLKL
PTNTPAASYGNDEENLRVLIDQGYSLKATGLSIVTIKGKQYAKVDADLIKQLNFENDVISASQWGEENYAPWLKELTSNE
LRDINNYLGGGYTAINKYLLDGTIGENTSKEDLEEKISNISSALKKRKIPEDIITYRRMGPNEFGLDLNSPDYDFNKVEN
VSKFKEKWLGKTIPVKTFISTTVLSNNISAFAKRKLILRLHLPNGSNAAYVSVAEGYKNEYEVLIDHGYSYKIDNITEYY
DESSLGGKTNKLIIDATLI
;
_entity_poly.pdbx_strand_id   A
#
# COMPACT_ATOMS: atom_id res chain seq x y z
N ASP A 3 8.09 20.97 -27.51
CA ASP A 3 8.93 21.09 -26.31
C ASP A 3 9.40 19.71 -25.83
N ASP A 4 9.72 19.62 -24.53
CA ASP A 4 10.15 18.37 -23.91
C ASP A 4 11.36 17.75 -24.63
N ASN A 5 12.34 18.58 -24.97
CA ASN A 5 13.58 18.11 -25.59
C ASN A 5 14.48 17.51 -24.51
N ARG A 6 14.37 16.19 -24.34
CA ARG A 6 15.08 15.53 -23.26
C ARG A 6 15.19 14.04 -23.59
N PRO A 7 16.13 13.34 -22.96
CA PRO A 7 16.12 11.88 -23.02
C PRO A 7 15.08 11.33 -22.04
N MET A 8 14.85 10.02 -22.10
CA MET A 8 14.04 9.41 -21.05
C MET A 8 14.78 9.38 -19.72
N ASP A 9 16.10 9.33 -19.75
CA ASP A 9 16.92 9.15 -18.55
C ASP A 9 18.09 10.12 -18.65
N PHE A 10 18.07 11.17 -17.85
CA PHE A 10 19.14 12.15 -17.89
C PHE A 10 20.48 11.59 -17.44
N ALA A 11 20.48 10.38 -16.88
CA ALA A 11 21.67 9.76 -16.30
C ALA A 11 22.39 10.70 -15.33
N LYS A 12 23.60 11.16 -15.69
CA LYS A 12 24.41 12.01 -14.82
C LYS A 12 24.46 13.45 -15.30
N ASP A 13 23.77 13.77 -16.39
CA ASP A 13 23.83 15.09 -17.01
C ASP A 13 22.88 16.05 -16.27
N LYS A 14 23.39 16.56 -15.15
CA LYS A 14 22.63 17.50 -14.33
C LYS A 14 22.34 18.80 -15.09
N ASN A 15 23.21 19.18 -16.03
CA ASN A 15 23.00 20.40 -16.80
C ASN A 15 21.75 20.35 -17.66
N SER A 16 21.63 19.30 -18.48
CA SER A 16 20.47 19.23 -19.36
C SER A 16 19.17 19.07 -18.56
N ALA A 17 19.25 18.41 -17.40
CA ALA A 17 18.06 18.15 -16.59
C ALA A 17 17.58 19.44 -15.95
N THR A 18 18.53 20.25 -15.46
CA THR A 18 18.16 21.51 -14.83
C THR A 18 17.52 22.44 -15.84
N LEU A 19 17.97 22.37 -17.09
CA LEU A 19 17.44 23.23 -18.14
C LEU A 19 16.02 22.82 -18.52
N TRP A 20 15.80 21.53 -18.71
CA TRP A 20 14.45 21.04 -19.01
C TRP A 20 13.50 21.35 -17.85
N ALA A 21 13.96 21.13 -16.60
CA ALA A 21 13.13 21.41 -15.43
C ALA A 21 12.73 22.89 -15.35
N LYS A 22 13.70 23.79 -15.58
CA LYS A 22 13.41 25.22 -15.51
C LYS A 22 12.34 25.63 -16.52
N LYS A 23 12.51 25.24 -17.79
CA LYS A 23 11.51 25.54 -18.82
C LYS A 23 10.10 25.12 -18.39
N ARG A 24 9.89 23.80 -18.21
CA ARG A 24 8.54 23.31 -17.90
C ARG A 24 8.03 23.79 -16.55
N LYS A 25 8.91 24.18 -15.63
CA LYS A 25 8.42 24.66 -14.34
C LYS A 25 7.77 26.02 -14.48
N GLN A 26 8.36 26.92 -15.27
CA GLN A 26 7.74 28.24 -15.34
C GLN A 26 6.44 28.20 -16.09
N VAL A 27 6.34 27.34 -17.10
CA VAL A 27 5.08 27.17 -17.78
C VAL A 27 4.07 26.52 -16.83
N TRP A 28 4.52 25.55 -16.02
CA TRP A 28 3.60 24.87 -15.12
C TRP A 28 3.05 25.83 -14.08
N LEU A 29 3.92 26.68 -13.52
CA LEU A 29 3.52 27.61 -12.48
C LEU A 29 2.55 28.66 -13.01
N ASN A 30 2.70 29.06 -14.27
CA ASN A 30 1.83 30.07 -14.85
C ASN A 30 0.49 29.50 -15.29
N ASN A 31 0.20 28.27 -14.92
CA ASN A 31 -1.06 27.66 -15.19
C ASN A 31 -1.73 27.11 -13.98
N LEU A 32 -1.30 27.56 -12.80
CA LEU A 32 -1.89 27.13 -11.54
C LEU A 32 -2.86 28.18 -11.04
N SER A 33 -3.94 27.73 -10.40
CA SER A 33 -4.79 28.67 -9.68
C SER A 33 -4.04 29.16 -8.45
N LYS A 34 -4.61 30.16 -7.76
CA LYS A 34 -3.96 30.66 -6.56
C LYS A 34 -3.95 29.60 -5.45
N ALA A 35 -5.03 28.82 -5.31
CA ALA A 35 -5.04 27.80 -4.26
C ALA A 35 -3.96 26.75 -4.52
N GLU A 36 -3.73 26.40 -5.79
CA GLU A 36 -2.73 25.41 -6.13
C GLU A 36 -1.32 25.96 -5.87
N SER A 37 -1.06 27.18 -6.31
CA SER A 37 0.22 27.83 -6.07
C SER A 37 0.58 27.83 -4.59
N THR A 38 -0.38 28.19 -3.75
CA THR A 38 -0.16 28.15 -2.31
C THR A 38 0.15 26.75 -1.82
N SER A 39 -0.56 25.74 -2.35
CA SER A 39 -0.34 24.37 -1.85
C SER A 39 0.99 23.82 -2.32
N ILE A 40 1.45 24.21 -3.51
CA ILE A 40 2.80 23.81 -3.94
C ILE A 40 3.85 24.42 -3.01
N ASN A 41 3.72 25.73 -2.72
CA ASN A 41 4.62 26.35 -1.75
C ASN A 41 4.56 25.65 -0.40
N ASN A 42 3.37 25.22 0.03
CA ASN A 42 3.27 24.51 1.30
C ASN A 42 3.97 23.17 1.23
N TYR A 43 3.98 22.52 0.07
CA TYR A 43 4.68 21.24 -0.02
C TYR A 43 6.19 21.45 0.02
N ILE A 44 6.68 22.54 -0.56
CA ILE A 44 8.12 22.83 -0.53
C ILE A 44 8.57 22.94 0.91
N LYS A 45 7.76 23.63 1.70
CA LYS A 45 8.09 23.92 3.09
C LYS A 45 7.90 22.75 4.01
N ASN A 46 6.84 21.96 3.82
CA ASN A 46 6.76 20.86 4.73
C ASN A 46 6.06 19.62 4.12
N SER A 47 6.72 19.01 3.14
CA SER A 47 6.26 17.76 2.56
C SER A 47 6.01 16.66 3.59
N SER A 48 6.90 16.51 4.58
CA SER A 48 6.82 15.36 5.49
C SER A 48 5.52 15.31 6.27
N GLU A 49 5.03 16.47 6.66
CA GLU A 49 3.79 16.58 7.42
C GLU A 49 2.57 16.37 6.53
N ILE A 50 2.65 16.85 5.29
CA ILE A 50 1.54 16.71 4.35
C ILE A 50 1.37 15.23 4.00
N ASN A 51 2.48 14.53 3.69
CA ASN A 51 2.42 13.09 3.40
C ASN A 51 2.05 12.26 4.62
N SER A 52 2.54 12.62 5.82
CA SER A 52 2.10 11.91 7.03
C SER A 52 0.62 12.08 7.24
N TYR A 53 0.11 13.28 6.97
CA TYR A 53 -1.31 13.54 7.16
C TYR A 53 -2.13 12.72 6.17
N SER A 54 -1.65 12.56 4.94
CA SER A 54 -2.41 11.81 3.95
C SER A 54 -2.72 10.41 4.46
N ILE A 55 -1.76 9.78 5.15
CA ILE A 55 -1.97 8.48 5.75
C ILE A 55 -2.99 8.56 6.89
N LYS A 56 -2.77 9.48 7.83
CA LYS A 56 -3.67 9.62 8.98
C LYS A 56 -5.11 9.76 8.52
N LYS A 57 -5.35 10.66 7.57
CA LYS A 57 -6.70 10.90 7.08
C LYS A 57 -7.33 9.66 6.45
N LYS A 58 -6.61 8.96 5.58
CA LYS A 58 -7.26 7.88 4.82
C LYS A 58 -7.49 6.62 5.64
N PHE A 59 -6.77 6.44 6.76
CA PHE A 59 -7.06 5.35 7.68
C PHE A 59 -7.90 5.80 8.88
N ALA A 60 -8.44 6.99 8.85
CA ALA A 60 -9.21 7.50 9.96
C ALA A 60 -10.67 7.05 9.86
N LEU A 61 -11.44 7.35 10.90
CA LEU A 61 -12.86 7.02 10.87
C LEU A 61 -13.62 7.92 9.89
N ASP A 62 -14.84 7.49 9.55
CA ASP A 62 -15.66 8.25 8.61
C ASP A 62 -15.87 9.68 9.07
N ASN A 63 -16.07 9.86 10.37
CA ASN A 63 -16.40 11.16 10.96
C ASN A 63 -15.18 12.03 11.20
N TYR A 64 -14.01 11.63 10.69
CA TYR A 64 -12.79 12.40 10.94
C TYR A 64 -12.77 13.69 10.14
N GLU A 65 -12.69 14.80 10.87
CA GLU A 65 -12.65 16.14 10.32
C GLU A 65 -11.24 16.54 9.89
N GLY A 66 -10.23 16.27 10.72
CA GLY A 66 -8.85 16.55 10.34
C GLY A 66 -8.46 18.02 10.34
N ILE A 67 -7.47 18.34 9.51
CA ILE A 67 -6.84 19.66 9.44
C ILE A 67 -7.29 20.35 8.16
N GLU A 68 -8.03 21.45 8.32
CA GLU A 68 -8.62 22.17 7.19
C GLU A 68 -7.59 22.46 6.08
N THR A 69 -6.56 23.28 6.38
CA THR A 69 -5.61 23.69 5.36
C THR A 69 -4.94 22.49 4.69
N LEU A 70 -4.64 21.44 5.44
CA LEU A 70 -4.04 20.26 4.83
C LEU A 70 -5.02 19.47 3.96
N ASN A 71 -6.33 19.54 4.22
CA ASN A 71 -7.28 18.90 3.32
C ASN A 71 -7.24 19.58 1.97
N GLU A 72 -7.19 20.92 1.97
CA GLU A 72 -7.11 21.65 0.71
C GLU A 72 -5.80 21.34 -0.01
N ASP A 73 -4.70 21.20 0.74
CA ASP A 73 -3.40 20.88 0.18
C ASP A 73 -3.41 19.52 -0.53
N LEU A 74 -3.87 18.48 0.17
CA LEU A 74 -4.05 17.17 -0.48
C LEU A 74 -4.79 17.29 -1.81
N LYS A 75 -5.90 18.04 -1.84
CA LYS A 75 -6.68 18.18 -3.07
C LYS A 75 -5.92 19.01 -4.09
N ASN A 76 -5.35 20.14 -3.66
CA ASN A 76 -4.77 21.09 -4.60
C ASN A 76 -3.46 20.60 -5.20
N ILE A 77 -2.64 19.88 -4.46
CA ILE A 77 -1.40 19.38 -5.04
C ILE A 77 -1.70 18.38 -6.16
N SER A 78 -2.71 17.52 -5.96
CA SER A 78 -3.13 16.57 -6.99
C SER A 78 -3.55 17.30 -8.26
N THR A 79 -4.48 18.25 -8.14
CA THR A 79 -4.95 18.96 -9.32
C THR A 79 -3.79 19.68 -10.00
N ALA A 80 -2.93 20.30 -9.20
CA ALA A 80 -1.75 20.96 -9.76
C ALA A 80 -0.89 20.00 -10.57
N VAL A 81 -0.51 18.86 -9.98
CA VAL A 81 0.43 17.99 -10.69
C VAL A 81 -0.20 17.33 -11.91
N LYS A 82 -1.53 17.11 -11.91
CA LYS A 82 -2.16 16.51 -13.09
C LYS A 82 -2.06 17.43 -14.31
N LYS A 83 -1.82 18.72 -14.09
CA LYS A 83 -1.53 19.66 -15.17
C LYS A 83 -0.09 19.57 -15.66
N SER A 84 0.70 18.61 -15.19
CA SER A 84 2.07 18.45 -15.69
C SER A 84 2.36 16.98 -15.98
N MET A 85 1.54 16.40 -16.88
CA MET A 85 1.64 14.97 -17.21
C MET A 85 2.80 14.73 -18.17
N LEU A 86 3.64 13.75 -17.83
CA LEU A 86 4.73 13.33 -18.69
C LEU A 86 4.22 12.92 -20.07
N THR A 87 4.89 13.40 -21.11
CA THR A 87 4.53 13.00 -22.46
C THR A 87 5.22 11.70 -22.88
N LYS A 88 6.34 11.41 -22.24
CA LYS A 88 7.12 10.19 -22.47
C LYS A 88 7.75 9.72 -21.16
N PRO A 89 8.12 8.44 -21.07
CA PRO A 89 8.70 7.95 -19.82
C PRO A 89 9.87 8.81 -19.34
N LEU A 90 9.93 9.02 -18.02
CA LEU A 90 11.02 9.70 -17.35
C LEU A 90 11.60 8.82 -16.25
N TYR A 91 12.93 8.65 -16.26
CA TYR A 91 13.60 7.96 -15.16
C TYR A 91 13.94 8.98 -14.08
N VAL A 92 13.88 8.53 -12.82
CA VAL A 92 14.17 9.37 -11.68
C VAL A 92 14.94 8.53 -10.68
N TYR A 93 15.53 9.21 -9.70
CA TYR A 93 16.47 8.58 -8.78
C TYR A 93 16.20 9.01 -7.34
N TYR A 94 16.49 8.12 -6.40
CA TYR A 94 16.61 8.47 -4.99
C TYR A 94 17.24 7.29 -4.27
N TYR A 95 18.04 7.60 -3.27
CA TYR A 95 18.60 6.59 -2.39
C TYR A 95 17.56 6.22 -1.34
N GLU A 96 17.65 4.99 -0.83
CA GLU A 96 16.57 4.46 -0.03
C GLU A 96 17.14 3.52 1.02
N ALA A 97 16.42 3.39 2.13
CA ALA A 97 16.79 2.43 3.18
C ALA A 97 16.14 1.09 2.88
N ASN A 98 16.71 0.02 3.45
CA ASN A 98 16.14 -1.28 3.19
C ASN A 98 14.74 -1.41 3.78
N ASP A 99 14.48 -0.75 4.92
CA ASP A 99 13.18 -0.82 5.58
C ASP A 99 12.03 -0.43 4.66
N LYS A 100 12.30 0.45 3.69
CA LYS A 100 11.30 0.84 2.69
C LYS A 100 10.95 -0.30 1.74
N PHE A 101 11.77 -1.34 1.69
CA PHE A 101 11.45 -2.55 0.94
C PHE A 101 11.11 -3.70 1.89
N GLY A 102 10.89 -3.39 3.16
CA GLY A 102 10.56 -4.40 4.16
C GLY A 102 11.63 -5.45 4.32
N PHE A 103 12.90 -5.06 4.18
CA PHE A 103 14.00 -6.01 4.20
C PHE A 103 14.89 -5.74 5.43
N ASN A 104 15.00 -6.75 6.31
CA ASN A 104 15.74 -6.56 7.57
C ASN A 104 17.25 -6.69 7.39
N GLN A 105 17.71 -7.70 6.66
CA GLN A 105 19.13 -8.03 6.51
C GLN A 105 19.96 -6.85 5.99
N ASN A 106 21.15 -6.69 6.55
CA ASN A 106 22.06 -5.65 6.07
C ASN A 106 22.64 -6.03 4.70
N LEU A 107 22.59 -5.09 3.76
CA LEU A 107 23.13 -5.33 2.43
C LEU A 107 24.64 -5.08 2.39
N GLU A 108 25.10 -4.10 3.16
CA GLU A 108 26.53 -3.80 3.22
C GLU A 108 27.30 -4.96 3.83
N SER A 109 28.41 -5.33 3.20
CA SER A 109 29.21 -6.44 3.71
C SER A 109 29.87 -6.02 5.02
N SER A 110 29.95 -6.97 5.96
CA SER A 110 30.52 -6.71 7.27
C SER A 110 32.04 -6.70 7.23
N LEU A 111 32.64 -7.29 6.21
CA LEU A 111 34.09 -7.37 6.08
C LEU A 111 34.68 -6.15 5.36
N ASP A 112 34.05 -5.73 4.26
CA ASP A 112 34.40 -4.49 3.57
C ASP A 112 33.11 -3.70 3.39
N SER A 113 33.10 -2.44 3.86
CA SER A 113 31.87 -1.65 3.86
C SER A 113 31.56 -1.09 2.48
N ASN A 114 32.56 -1.01 1.61
CA ASN A 114 32.39 -0.63 0.22
C ASN A 114 31.75 -1.75 -0.61
N ILE A 115 31.59 -2.97 -0.07
CA ILE A 115 31.11 -4.13 -0.81
C ILE A 115 29.70 -4.55 -0.35
N ILE A 116 28.83 -4.91 -1.32
CA ILE A 116 27.50 -5.44 -1.02
C ILE A 116 27.62 -6.94 -0.79
N ASP A 117 27.17 -7.40 0.38
CA ASP A 117 27.20 -8.83 0.69
C ASP A 117 26.46 -9.64 -0.39
N GLU A 118 27.08 -10.73 -0.85
CA GLU A 118 26.49 -11.49 -1.95
C GLU A 118 25.30 -12.34 -1.50
N GLU A 119 25.33 -12.88 -0.28
CA GLU A 119 24.20 -13.62 0.23
C GLU A 119 23.00 -12.71 0.44
N ALA A 120 23.25 -11.47 0.85
CA ALA A 120 22.17 -10.55 1.17
C ALA A 120 21.47 -10.05 -0.10
N ILE A 121 22.27 -9.72 -1.13
CA ILE A 121 21.69 -9.23 -2.38
C ILE A 121 20.83 -10.31 -3.04
N ASN A 122 21.23 -11.58 -2.87
CA ASN A 122 20.41 -12.70 -3.34
C ASN A 122 19.13 -12.87 -2.51
N ASN A 123 19.15 -12.57 -1.21
CA ASN A 123 17.89 -12.61 -0.45
C ASN A 123 17.00 -11.45 -0.81
N PHE A 124 17.63 -10.34 -1.20
CA PHE A 124 16.93 -9.12 -1.58
C PHE A 124 16.20 -9.30 -2.90
N ALA A 125 16.84 -9.92 -3.89
CA ALA A 125 16.21 -10.13 -5.19
C ALA A 125 14.93 -10.92 -5.05
N LYS A 126 14.95 -11.94 -4.18
CA LYS A 126 13.72 -12.68 -3.90
C LYS A 126 12.72 -11.82 -3.16
N LYS A 127 13.19 -10.99 -2.24
CA LYS A 127 12.26 -10.17 -1.43
C LYS A 127 11.48 -9.18 -2.29
N ILE A 128 12.16 -8.50 -3.21
CA ILE A 128 11.47 -7.51 -4.03
C ILE A 128 10.69 -8.10 -5.20
N SER A 129 10.82 -9.41 -5.46
CA SER A 129 10.02 -10.04 -6.50
C SER A 129 8.56 -10.21 -6.05
N ASP A 130 7.66 -10.19 -7.03
CA ASP A 130 6.25 -10.53 -6.82
C ASP A 130 5.63 -9.63 -5.75
N THR A 131 5.95 -8.35 -5.81
CA THR A 131 5.55 -7.37 -4.79
C THR A 131 5.29 -6.03 -5.48
N ASN A 132 4.15 -5.41 -5.20
CA ASN A 132 3.92 -4.00 -5.51
C ASN A 132 4.05 -3.23 -4.19
N PHE A 133 5.11 -2.42 -4.06
CA PHE A 133 5.33 -1.60 -2.86
C PHE A 133 4.54 -0.30 -2.97
N ILE A 134 3.43 -0.22 -2.23
CA ILE A 134 2.60 0.98 -2.24
C ILE A 134 3.38 2.16 -1.69
N GLN A 135 3.29 3.28 -2.39
CA GLN A 135 3.95 4.51 -2.00
C GLN A 135 2.87 5.45 -1.50
N ASP A 136 2.92 5.77 -0.21
CA ASP A 136 1.96 6.65 0.43
C ASP A 136 2.35 8.12 0.30
N GLY A 137 1.32 8.97 0.26
CA GLY A 137 1.53 10.39 0.11
C GLY A 137 2.02 10.72 -1.30
N PHE A 138 2.35 11.99 -1.47
CA PHE A 138 3.08 12.43 -2.65
C PHE A 138 4.52 11.94 -2.56
N LYS A 139 5.19 11.93 -3.70
CA LYS A 139 6.59 11.51 -3.74
C LYS A 139 7.39 12.56 -4.50
N ASP A 140 8.46 13.04 -3.89
CA ASP A 140 9.35 13.98 -4.56
C ASP A 140 10.74 13.35 -4.72
N VAL A 141 11.30 13.49 -5.92
CA VAL A 141 12.53 12.81 -6.32
C VAL A 141 13.35 13.78 -7.16
N THR A 142 14.53 13.35 -7.62
CA THR A 142 15.38 14.15 -8.50
C THR A 142 15.58 13.45 -9.86
N MET A 143 16.27 14.15 -10.74
CA MET A 143 16.28 13.84 -12.15
C MET A 143 17.54 13.12 -12.63
N THR A 144 18.61 13.12 -11.82
CA THR A 144 19.86 12.47 -12.22
C THR A 144 20.38 11.56 -11.11
N GLU A 145 21.31 10.68 -11.51
CA GLU A 145 22.02 9.85 -10.56
C GLU A 145 22.78 10.80 -9.65
N PRO A 146 22.44 10.84 -8.35
CA PRO A 146 23.02 11.87 -7.49
C PRO A 146 24.35 11.53 -6.83
N ASP A 147 25.38 12.33 -7.09
CA ASP A 147 26.73 12.18 -6.51
C ASP A 147 26.73 12.83 -5.13
N ILE A 148 26.37 12.06 -4.11
CA ILE A 148 26.23 12.66 -2.78
C ILE A 148 26.86 11.83 -1.67
N ASN A 149 27.59 10.76 -2.01
CA ASN A 149 28.27 9.92 -1.02
C ASN A 149 27.30 9.32 0.00
N SER A 150 26.12 8.90 -0.47
CA SER A 150 25.06 8.39 0.39
C SER A 150 25.47 7.20 1.25
N LYS A 151 24.93 7.15 2.45
CA LYS A 151 25.13 6.05 3.40
C LYS A 151 24.01 4.98 3.34
N LEU A 152 22.94 5.21 2.53
CA LEU A 152 21.87 4.22 2.39
C LEU A 152 22.32 3.07 1.47
N PRO A 153 21.80 1.87 1.69
CA PRO A 153 22.26 0.70 0.91
C PRO A 153 21.79 0.67 -0.53
N ILE A 154 20.70 1.36 -0.86
CA ILE A 154 19.96 1.10 -2.09
C ILE A 154 19.82 2.37 -2.90
N LEU A 155 20.01 2.27 -4.22
CA LEU A 155 19.65 3.33 -5.15
C LEU A 155 18.44 2.86 -5.96
N VAL A 156 17.36 3.63 -5.92
CA VAL A 156 16.16 3.33 -6.69
C VAL A 156 16.26 4.09 -7.99
N HIS A 157 16.15 3.38 -9.12
CA HIS A 157 16.11 3.91 -10.48
C HIS A 157 14.69 3.71 -11.03
N LEU A 158 13.86 4.73 -10.88
CA LEU A 158 12.42 4.60 -11.07
C LEU A 158 11.97 5.17 -12.40
N LYS A 159 11.19 4.40 -13.14
CA LYS A 159 10.69 4.83 -14.44
C LYS A 159 9.24 5.30 -14.31
N LEU A 160 9.00 6.54 -14.67
CA LEU A 160 7.66 7.08 -14.58
C LEU A 160 7.03 6.96 -15.95
N PRO A 161 5.92 6.23 -16.09
CA PRO A 161 5.30 6.04 -17.41
C PRO A 161 4.75 7.35 -17.97
N THR A 162 4.60 7.36 -19.30
CA THR A 162 3.86 8.40 -19.99
C THR A 162 2.53 8.70 -19.30
N ASN A 163 2.15 9.98 -19.27
CA ASN A 163 0.91 10.51 -18.65
C ASN A 163 1.02 10.62 -17.13
N THR A 164 2.14 10.22 -16.52
CA THR A 164 2.28 10.35 -15.07
C THR A 164 2.23 11.83 -14.70
N PRO A 165 1.43 12.22 -13.70
CA PRO A 165 1.56 13.59 -13.19
C PRO A 165 2.85 13.70 -12.39
N ALA A 166 3.81 14.46 -12.93
CA ALA A 166 5.13 14.64 -12.30
C ALA A 166 5.62 16.04 -12.63
N ALA A 167 5.56 16.94 -11.65
CA ALA A 167 5.76 18.36 -11.87
C ALA A 167 7.16 18.81 -11.47
N SER A 168 7.75 19.70 -12.28
CA SER A 168 9.02 20.36 -11.97
C SER A 168 8.76 21.50 -11.00
N TYR A 169 9.31 21.40 -9.79
CA TYR A 169 9.08 22.38 -8.72
C TYR A 169 10.32 22.43 -7.85
N GLY A 170 10.36 23.39 -6.92
CA GLY A 170 11.45 23.49 -5.97
C GLY A 170 12.10 24.86 -5.96
N ASN A 171 12.65 25.25 -4.80
CA ASN A 171 13.27 26.56 -4.61
C ASN A 171 14.74 26.64 -4.97
N ASP A 172 15.44 25.52 -5.11
CA ASP A 172 16.84 25.56 -5.54
C ASP A 172 16.86 25.36 -7.04
N GLU A 173 17.00 26.47 -7.77
CA GLU A 173 16.93 26.44 -9.23
C GLU A 173 18.05 25.59 -9.84
N GLU A 174 19.01 25.09 -9.06
CA GLU A 174 20.03 24.17 -9.54
C GLU A 174 19.83 22.73 -9.07
N ASN A 175 18.83 22.47 -8.22
CA ASN A 175 18.45 21.12 -7.86
C ASN A 175 16.93 21.12 -7.75
N LEU A 176 16.29 21.30 -8.91
CA LEU A 176 14.84 21.23 -8.97
C LEU A 176 14.42 19.79 -8.75
N ARG A 177 13.17 19.60 -8.34
CA ARG A 177 12.69 18.27 -8.02
C ARG A 177 11.49 17.89 -8.88
N VAL A 178 11.14 16.61 -8.83
CA VAL A 178 9.95 16.09 -9.50
C VAL A 178 8.93 15.68 -8.45
N LEU A 179 7.73 16.26 -8.53
CA LEU A 179 6.66 15.98 -7.59
C LEU A 179 5.68 15.01 -8.24
N ILE A 180 5.61 13.80 -7.72
CA ILE A 180 4.77 12.74 -8.27
C ILE A 180 3.49 12.64 -7.45
N ASP A 181 2.34 12.56 -8.15
CA ASP A 181 0.99 12.44 -7.58
C ASP A 181 0.87 11.22 -6.67
N GLN A 182 -0.09 11.28 -5.75
CA GLN A 182 -0.36 10.15 -4.85
C GLN A 182 -1.09 9.04 -5.62
N GLY A 183 -1.11 7.84 -5.04
CA GLY A 183 -1.87 6.73 -5.57
C GLY A 183 -1.08 5.68 -6.33
N TYR A 184 0.25 5.76 -6.32
CA TYR A 184 1.14 4.89 -7.10
C TYR A 184 1.85 3.85 -6.24
N SER A 185 2.44 2.86 -6.92
CA SER A 185 3.18 1.75 -6.32
C SER A 185 4.46 1.51 -7.12
N LEU A 186 5.41 0.82 -6.49
CA LEU A 186 6.69 0.50 -7.11
C LEU A 186 6.83 -0.99 -7.37
N LYS A 187 7.07 -1.33 -8.64
CA LYS A 187 7.25 -2.71 -9.09
C LYS A 187 8.69 -2.89 -9.58
N ALA A 188 9.45 -3.75 -8.93
CA ALA A 188 10.84 -3.94 -9.31
C ALA A 188 10.93 -4.60 -10.68
N THR A 189 11.85 -4.11 -11.51
CA THR A 189 12.10 -4.65 -12.84
C THR A 189 13.55 -5.11 -13.02
N GLY A 190 14.39 -4.96 -12.00
CA GLY A 190 15.78 -5.36 -12.06
C GLY A 190 16.54 -5.08 -10.78
N LEU A 191 17.57 -5.86 -10.52
CA LEU A 191 18.45 -5.64 -9.40
C LEU A 191 19.88 -5.73 -9.91
N SER A 192 20.73 -4.82 -9.44
CA SER A 192 22.14 -4.94 -9.79
C SER A 192 22.97 -4.18 -8.77
N ILE A 193 24.20 -4.65 -8.60
CA ILE A 193 25.19 -3.97 -7.80
C ILE A 193 25.91 -2.97 -8.69
N VAL A 194 25.83 -1.68 -8.34
CA VAL A 194 26.52 -0.62 -9.04
C VAL A 194 27.54 0.03 -8.10
N THR A 195 28.56 0.63 -8.70
CA THR A 195 29.65 1.31 -8.00
C THR A 195 29.62 2.80 -8.33
N ILE A 196 29.42 3.62 -7.29
CA ILE A 196 29.37 5.08 -7.36
C ILE A 196 30.39 5.62 -6.34
N LYS A 197 31.35 6.45 -6.80
CA LYS A 197 32.40 6.97 -5.89
C LYS A 197 33.01 5.87 -5.03
N GLY A 198 33.32 4.73 -5.65
CA GLY A 198 34.04 3.68 -4.94
C GLY A 198 33.22 2.76 -4.07
N LYS A 199 31.91 2.98 -3.96
CA LYS A 199 31.08 2.23 -3.02
C LYS A 199 29.96 1.48 -3.76
N GLN A 200 29.75 0.24 -3.36
CA GLN A 200 28.72 -0.58 -4.01
C GLN A 200 27.36 -0.27 -3.41
N TYR A 201 26.39 -0.04 -4.29
CA TYR A 201 24.99 0.15 -3.92
C TYR A 201 24.13 -0.90 -4.63
N ALA A 202 23.07 -1.32 -3.94
CA ALA A 202 22.06 -2.20 -4.53
C ALA A 202 21.15 -1.32 -5.38
N LYS A 203 21.22 -1.44 -6.70
CA LYS A 203 20.41 -0.58 -7.56
C LYS A 203 19.11 -1.29 -7.95
N VAL A 204 17.96 -0.73 -7.54
CA VAL A 204 16.65 -1.31 -7.85
C VAL A 204 16.05 -0.59 -9.05
N ASP A 205 15.95 -1.26 -10.19
CA ASP A 205 15.16 -0.71 -11.29
C ASP A 205 13.70 -0.99 -10.96
N ALA A 206 12.83 -0.01 -11.16
CA ALA A 206 11.42 -0.27 -10.91
C ALA A 206 10.55 0.59 -11.81
N ASP A 207 9.32 0.14 -12.02
CA ASP A 207 8.29 0.92 -12.70
C ASP A 207 7.31 1.49 -11.70
N LEU A 208 6.84 2.69 -11.98
CA LEU A 208 5.76 3.29 -11.21
C LEU A 208 4.46 2.77 -11.80
N ILE A 209 3.68 2.04 -11.02
CA ILE A 209 2.44 1.47 -11.53
C ILE A 209 1.29 1.93 -10.62
N LYS A 210 0.07 1.88 -11.16
CA LYS A 210 -1.12 2.26 -10.39
C LYS A 210 -2.04 1.07 -10.18
N GLN A 211 -2.08 0.52 -8.96
CA GLN A 211 -3.04 -0.53 -8.70
C GLN A 211 -4.36 0.03 -8.19
N LEU A 212 -5.42 -0.78 -8.36
CA LEU A 212 -6.75 -0.40 -7.90
C LEU A 212 -6.77 -0.39 -6.38
N ASN A 213 -7.11 0.77 -5.79
CA ASN A 213 -7.11 0.94 -4.33
C ASN A 213 -8.00 2.16 -4.03
N PHE A 214 -9.25 1.89 -3.66
CA PHE A 214 -10.23 2.98 -3.53
C PHE A 214 -9.98 3.88 -2.32
N GLU A 215 -9.33 3.38 -1.27
CA GLU A 215 -9.02 4.13 -0.05
C GLU A 215 -10.29 4.68 0.61
N ASN A 216 -10.64 5.95 0.44
CA ASN A 216 -11.90 6.50 0.99
C ASN A 216 -13.00 6.71 -0.04
N ASP A 217 -12.72 6.45 -1.32
CA ASP A 217 -13.65 6.75 -2.41
C ASP A 217 -14.76 5.71 -2.38
N VAL A 218 -15.77 5.99 -1.54
CA VAL A 218 -16.89 5.07 -1.35
C VAL A 218 -17.67 4.92 -2.65
N ILE A 219 -17.78 6.01 -3.43
CA ILE A 219 -18.49 5.97 -4.71
C ILE A 219 -17.81 5.01 -5.67
N SER A 220 -16.54 5.28 -6.01
CA SER A 220 -15.84 4.41 -6.95
C SER A 220 -15.84 2.97 -6.48
N ALA A 221 -15.77 2.77 -5.16
CA ALA A 221 -15.78 1.42 -4.62
C ALA A 221 -17.11 0.71 -4.95
N SER A 222 -18.22 1.38 -4.65
CA SER A 222 -19.56 0.80 -4.87
C SER A 222 -19.77 0.40 -6.32
N GLN A 223 -19.48 1.32 -7.24
CA GLN A 223 -19.60 1.08 -8.67
C GLN A 223 -18.83 -0.17 -9.11
N TRP A 224 -17.55 -0.23 -8.76
CA TRP A 224 -16.72 -1.40 -9.11
C TRP A 224 -17.33 -2.69 -8.59
N GLY A 225 -17.69 -2.74 -7.31
CA GLY A 225 -18.29 -3.92 -6.75
C GLY A 225 -19.59 -4.30 -7.47
N GLU A 226 -20.39 -3.30 -7.84
CA GLU A 226 -21.63 -3.58 -8.54
C GLU A 226 -21.36 -4.05 -9.97
N GLU A 227 -20.62 -3.24 -10.73
CA GLU A 227 -20.25 -3.60 -12.10
C GLU A 227 -19.66 -5.00 -12.22
N ASN A 228 -18.88 -5.44 -11.22
CA ASN A 228 -18.17 -6.71 -11.34
C ASN A 228 -18.83 -7.87 -10.60
N TYR A 229 -19.71 -7.62 -9.62
CA TYR A 229 -20.25 -8.72 -8.85
C TYR A 229 -21.77 -8.75 -8.75
N ALA A 230 -22.48 -7.78 -9.34
CA ALA A 230 -23.93 -7.95 -9.42
C ALA A 230 -24.25 -9.17 -10.26
N PRO A 231 -23.71 -9.36 -11.47
CA PRO A 231 -23.89 -10.67 -12.14
C PRO A 231 -23.62 -11.88 -11.25
N TRP A 232 -22.49 -11.86 -10.52
CA TRP A 232 -22.15 -12.91 -9.55
C TRP A 232 -23.26 -13.14 -8.54
N LEU A 233 -23.89 -12.05 -8.05
CA LEU A 233 -24.96 -12.19 -7.07
C LEU A 233 -26.19 -12.84 -7.69
N LYS A 234 -26.62 -12.38 -8.87
CA LYS A 234 -27.81 -12.96 -9.48
C LYS A 234 -27.65 -14.44 -9.83
N GLU A 235 -26.42 -14.92 -10.02
CA GLU A 235 -26.14 -16.32 -10.37
C GLU A 235 -25.91 -17.23 -9.17
N LEU A 236 -25.98 -16.70 -7.95
CA LEU A 236 -25.83 -17.55 -6.77
C LEU A 236 -27.02 -18.50 -6.62
N THR A 237 -26.74 -19.72 -6.15
CA THR A 237 -27.80 -20.62 -5.73
C THR A 237 -28.38 -20.14 -4.41
N SER A 238 -29.64 -20.55 -4.17
CA SER A 238 -30.33 -20.17 -2.94
C SER A 238 -29.53 -20.53 -1.71
N ASN A 239 -28.92 -21.72 -1.73
CA ASN A 239 -28.20 -22.16 -0.53
C ASN A 239 -26.86 -21.41 -0.40
N GLU A 240 -26.29 -20.97 -1.51
CA GLU A 240 -25.07 -20.16 -1.44
C GLU A 240 -25.40 -18.76 -0.92
N LEU A 241 -26.46 -18.14 -1.44
CA LEU A 241 -26.82 -16.81 -0.96
C LEU A 241 -27.10 -16.86 0.53
N ARG A 242 -27.86 -17.87 0.96
CA ARG A 242 -28.21 -17.98 2.36
C ARG A 242 -26.96 -18.14 3.21
N ASP A 243 -26.07 -19.07 2.83
CA ASP A 243 -24.89 -19.36 3.67
C ASP A 243 -23.88 -18.23 3.67
N ILE A 244 -23.82 -17.40 2.62
CA ILE A 244 -22.97 -16.22 2.68
C ILE A 244 -23.58 -15.19 3.61
N ASN A 245 -24.85 -14.83 3.37
CA ASN A 245 -25.57 -13.92 4.24
C ASN A 245 -25.40 -14.30 5.71
N ASN A 246 -25.50 -15.59 6.01
CA ASN A 246 -25.36 -16.01 7.40
C ASN A 246 -23.93 -15.87 7.90
N TYR A 247 -22.93 -16.25 7.08
CA TYR A 247 -21.53 -16.11 7.49
C TYR A 247 -21.20 -14.66 7.78
N LEU A 248 -21.64 -13.75 6.91
CA LEU A 248 -21.32 -12.34 7.02
C LEU A 248 -22.03 -11.70 8.21
N GLY A 249 -23.27 -12.12 8.46
CA GLY A 249 -24.07 -11.66 9.59
C GLY A 249 -23.54 -12.09 10.94
N GLY A 250 -22.49 -12.91 10.98
CA GLY A 250 -21.90 -13.27 12.26
C GLY A 250 -21.71 -14.76 12.46
N GLY A 251 -22.30 -15.58 11.59
CA GLY A 251 -22.14 -17.02 11.74
C GLY A 251 -20.75 -17.54 11.42
N TYR A 252 -19.78 -16.62 11.26
CA TYR A 252 -18.42 -17.00 10.86
C TYR A 252 -17.64 -17.71 11.96
N THR A 253 -17.96 -17.48 13.24
CA THR A 253 -17.02 -17.91 14.29
C THR A 253 -16.90 -19.43 14.28
N ALA A 254 -18.04 -20.13 14.28
CA ALA A 254 -18.02 -21.59 14.33
C ALA A 254 -17.44 -22.18 13.05
N ILE A 255 -17.76 -21.58 11.91
CA ILE A 255 -17.25 -22.07 10.63
C ILE A 255 -15.73 -21.90 10.56
N ASN A 256 -15.24 -20.72 10.95
CA ASN A 256 -13.80 -20.47 10.97
C ASN A 256 -13.08 -21.46 11.88
N LYS A 257 -13.64 -21.69 13.07
CA LYS A 257 -13.00 -22.59 14.03
C LYS A 257 -12.84 -24.00 13.47
N TYR A 258 -13.83 -24.49 12.72
CA TYR A 258 -13.75 -25.83 12.14
C TYR A 258 -12.63 -25.94 11.11
N LEU A 259 -12.46 -24.91 10.27
CA LEU A 259 -11.41 -24.99 9.27
C LEU A 259 -10.05 -24.88 9.93
N LEU A 260 -9.95 -24.07 10.98
CA LEU A 260 -8.69 -23.91 11.71
C LEU A 260 -8.20 -25.23 12.31
N ASP A 261 -8.98 -25.79 13.26
CA ASP A 261 -8.59 -27.00 13.98
C ASP A 261 -9.61 -28.14 13.98
N GLY A 262 -10.53 -28.20 13.00
CA GLY A 262 -11.48 -29.31 12.92
C GLY A 262 -12.42 -29.50 14.09
N THR A 263 -12.62 -28.46 14.90
CA THR A 263 -13.47 -28.50 16.08
C THR A 263 -14.94 -28.37 15.70
N ILE A 264 -15.80 -29.21 16.29
CA ILE A 264 -17.25 -29.16 16.06
C ILE A 264 -17.94 -28.67 17.34
N GLY A 265 -18.80 -27.66 17.19
CA GLY A 265 -19.61 -27.20 18.32
C GLY A 265 -20.58 -28.25 18.82
N GLU A 266 -20.99 -28.11 20.09
CA GLU A 266 -21.90 -29.09 20.68
C GLU A 266 -23.30 -29.02 20.09
N ASN A 267 -23.65 -27.93 19.40
CA ASN A 267 -24.98 -27.76 18.83
C ASN A 267 -25.04 -27.91 17.32
N THR A 268 -23.98 -28.44 16.71
CA THR A 268 -23.98 -28.68 15.27
C THR A 268 -23.26 -30.00 15.01
N SER A 269 -23.02 -30.27 13.72
CA SER A 269 -22.39 -31.50 13.29
C SER A 269 -21.43 -31.18 12.15
N LYS A 270 -20.44 -32.06 11.99
CA LYS A 270 -19.53 -31.92 10.85
C LYS A 270 -20.30 -31.83 9.54
N GLU A 271 -21.43 -32.53 9.44
CA GLU A 271 -22.23 -32.47 8.22
C GLU A 271 -22.76 -31.06 7.99
N ASP A 272 -23.26 -30.42 9.05
CA ASP A 272 -23.78 -29.06 8.90
C ASP A 272 -22.65 -28.06 8.64
N LEU A 273 -21.49 -28.26 9.28
CA LEU A 273 -20.39 -27.33 9.10
C LEU A 273 -19.78 -27.44 7.71
N GLU A 274 -19.69 -28.66 7.17
CA GLU A 274 -19.06 -28.80 5.86
C GLU A 274 -19.99 -28.34 4.76
N GLU A 275 -21.30 -28.55 4.93
CA GLU A 275 -22.25 -28.06 3.95
C GLU A 275 -22.11 -26.55 3.80
N LYS A 276 -22.11 -25.84 4.95
CA LYS A 276 -21.91 -24.39 4.96
C LYS A 276 -20.60 -24.01 4.26
N ILE A 277 -19.53 -24.72 4.59
CA ILE A 277 -18.22 -24.36 4.05
C ILE A 277 -18.19 -24.61 2.56
N SER A 278 -18.72 -25.76 2.15
CA SER A 278 -18.77 -26.11 0.73
C SER A 278 -19.59 -25.10 -0.05
N ASN A 279 -20.69 -24.62 0.54
CA ASN A 279 -21.54 -23.66 -0.15
C ASN A 279 -20.85 -22.30 -0.31
N ILE A 280 -20.23 -21.81 0.77
CA ILE A 280 -19.54 -20.54 0.70
C ILE A 280 -18.35 -20.64 -0.24
N SER A 281 -17.55 -21.70 -0.08
CA SER A 281 -16.38 -21.85 -0.93
C SER A 281 -16.75 -21.98 -2.42
N SER A 282 -17.82 -22.73 -2.73
CA SER A 282 -18.23 -22.81 -4.12
C SER A 282 -18.66 -21.45 -4.67
N ALA A 283 -19.37 -20.67 -3.84
CA ALA A 283 -19.74 -19.31 -4.28
C ALA A 283 -18.51 -18.44 -4.52
N LEU A 284 -17.45 -18.65 -3.76
CA LEU A 284 -16.29 -17.76 -3.89
C LEU A 284 -15.45 -18.11 -5.13
N LYS A 285 -15.66 -19.28 -5.73
CA LYS A 285 -14.93 -19.68 -6.94
C LYS A 285 -15.68 -19.33 -8.21
N LYS A 286 -16.82 -18.63 -8.11
CA LYS A 286 -17.67 -18.41 -9.28
C LYS A 286 -17.31 -17.14 -10.04
N ARG A 287 -16.66 -16.15 -9.40
CA ARG A 287 -16.20 -14.98 -10.16
C ARG A 287 -14.88 -14.46 -9.56
N LYS A 288 -13.78 -14.92 -10.17
CA LYS A 288 -12.42 -14.56 -9.79
C LYS A 288 -12.22 -13.05 -9.83
N ILE A 289 -11.49 -12.52 -8.85
CA ILE A 289 -11.11 -11.10 -8.84
C ILE A 289 -10.62 -10.67 -10.22
N PRO A 290 -11.24 -9.69 -10.87
CA PRO A 290 -10.91 -9.40 -12.28
C PRO A 290 -9.65 -8.57 -12.50
N GLU A 291 -9.05 -7.99 -11.47
CA GLU A 291 -7.84 -7.18 -11.58
C GLU A 291 -7.25 -7.04 -10.19
N ASP A 292 -5.93 -6.84 -10.10
CA ASP A 292 -5.29 -6.64 -8.82
C ASP A 292 -6.01 -5.53 -8.05
N ILE A 293 -6.27 -5.77 -6.77
CA ILE A 293 -6.94 -4.79 -5.93
C ILE A 293 -6.38 -4.86 -4.51
N ILE A 294 -6.32 -3.71 -3.87
CA ILE A 294 -5.89 -3.63 -2.47
C ILE A 294 -7.11 -3.73 -1.56
N THR A 295 -7.05 -4.62 -0.57
CA THR A 295 -8.09 -4.73 0.45
C THR A 295 -7.49 -4.56 1.84
N TYR A 296 -8.38 -4.33 2.81
CA TYR A 296 -7.97 -3.98 4.16
C TYR A 296 -8.67 -4.84 5.19
N ARG A 297 -7.98 -5.07 6.29
CA ARG A 297 -8.57 -5.78 7.42
C ARG A 297 -7.94 -5.22 8.68
N ARG A 298 -8.79 -4.89 9.67
CA ARG A 298 -8.31 -4.52 11.00
C ARG A 298 -8.24 -5.80 11.80
N MET A 299 -7.03 -6.20 12.17
CA MET A 299 -6.78 -7.52 12.71
C MET A 299 -6.64 -7.51 14.23
N GLY A 300 -7.07 -8.62 14.83
CA GLY A 300 -6.95 -8.83 16.25
C GLY A 300 -5.52 -9.12 16.65
N PRO A 301 -5.15 -8.65 17.84
CA PRO A 301 -3.80 -8.92 18.37
C PRO A 301 -3.42 -10.39 18.41
N ASN A 302 -4.40 -11.27 18.64
CA ASN A 302 -4.16 -12.71 18.74
C ASN A 302 -3.58 -13.29 17.47
N GLU A 303 -3.90 -12.71 16.30
CA GLU A 303 -3.41 -13.28 15.04
C GLU A 303 -1.89 -13.19 14.93
N PHE A 304 -1.23 -12.45 15.82
CA PHE A 304 0.22 -12.36 15.87
C PHE A 304 0.70 -12.58 17.30
N GLY A 305 0.01 -13.42 18.06
CA GLY A 305 0.46 -13.81 19.39
C GLY A 305 0.56 -12.69 20.41
N LEU A 306 -0.39 -11.76 20.41
CA LEU A 306 -0.35 -10.63 21.33
C LEU A 306 -1.72 -10.47 21.98
N ASP A 307 -1.73 -9.86 23.15
CA ASP A 307 -2.97 -9.61 23.85
C ASP A 307 -3.22 -8.11 23.93
N LEU A 308 -4.49 -7.74 24.09
CA LEU A 308 -4.87 -6.34 24.19
C LEU A 308 -4.02 -5.61 25.23
N ASN A 309 -3.74 -6.27 26.36
CA ASN A 309 -2.94 -5.67 27.42
C ASN A 309 -1.53 -6.23 27.46
N SER A 310 -1.08 -6.93 26.42
CA SER A 310 0.30 -7.39 26.34
C SER A 310 1.25 -6.20 26.19
N PRO A 311 2.40 -6.22 26.87
CA PRO A 311 3.33 -5.08 26.76
C PRO A 311 3.90 -4.89 25.36
N ASP A 312 4.05 -5.97 24.59
CA ASP A 312 4.58 -5.88 23.23
C ASP A 312 3.61 -5.21 22.25
N TYR A 313 2.36 -5.02 22.66
CA TYR A 313 1.31 -4.46 21.84
C TYR A 313 1.23 -2.95 22.00
N ASP A 314 2.03 -2.40 22.91
CA ASP A 314 2.20 -0.96 23.07
C ASP A 314 3.14 -0.45 21.99
N PHE A 315 2.57 -0.05 20.85
CA PHE A 315 3.39 0.46 19.76
C PHE A 315 3.73 1.92 19.93
N ASN A 316 3.34 2.54 21.05
CA ASN A 316 3.80 3.89 21.35
C ASN A 316 5.27 3.87 21.77
N LYS A 317 5.79 2.69 22.14
CA LYS A 317 7.21 2.45 22.40
C LYS A 317 7.90 1.98 21.12
N VAL A 318 8.90 2.75 20.66
CA VAL A 318 9.58 2.41 19.42
C VAL A 318 10.19 1.00 19.44
N GLU A 319 10.65 0.53 20.61
CA GLU A 319 11.22 -0.83 20.65
C GLU A 319 10.18 -1.89 20.30
N ASN A 320 8.90 -1.69 20.68
CA ASN A 320 7.88 -2.69 20.36
C ASN A 320 7.60 -2.73 18.85
N VAL A 321 7.59 -1.56 18.20
CA VAL A 321 7.45 -1.53 16.75
C VAL A 321 8.58 -2.30 16.09
N SER A 322 9.82 -1.99 16.49
CA SER A 322 11.00 -2.62 15.91
C SER A 322 10.97 -4.14 16.07
N LYS A 323 10.67 -4.61 17.28
CA LYS A 323 10.56 -6.04 17.54
C LYS A 323 9.50 -6.68 16.63
N PHE A 324 8.36 -6.00 16.43
CA PHE A 324 7.33 -6.54 15.56
C PHE A 324 7.84 -6.72 14.14
N LYS A 325 8.57 -5.72 13.63
CA LYS A 325 9.11 -5.78 12.27
C LYS A 325 10.12 -6.92 12.11
N GLU A 326 10.96 -7.12 13.14
CA GLU A 326 11.95 -8.20 13.10
C GLU A 326 11.27 -9.56 13.08
N LYS A 327 10.21 -9.73 13.87
CA LYS A 327 9.55 -11.02 13.95
C LYS A 327 8.78 -11.36 12.67
N TRP A 328 8.16 -10.36 12.03
CA TRP A 328 7.13 -10.63 11.04
C TRP A 328 7.48 -10.25 9.61
N LEU A 329 8.37 -9.30 9.39
CA LEU A 329 8.73 -8.92 8.02
C LEU A 329 9.22 -10.11 7.18
N GLY A 330 8.70 -10.25 5.96
CA GLY A 330 9.11 -11.34 5.09
C GLY A 330 8.47 -12.70 5.35
N LYS A 331 7.70 -12.88 6.42
CA LYS A 331 7.09 -14.18 6.67
C LYS A 331 5.88 -14.43 5.78
N THR A 332 5.58 -15.73 5.62
CA THR A 332 4.36 -16.20 4.96
C THR A 332 3.43 -16.74 6.05
N ILE A 333 2.18 -16.26 6.07
CA ILE A 333 1.18 -16.68 7.05
C ILE A 333 0.09 -17.47 6.32
N PRO A 334 -0.09 -18.75 6.65
CA PRO A 334 -1.18 -19.54 6.04
C PRO A 334 -2.52 -19.16 6.65
N VAL A 335 -3.57 -19.17 5.83
CA VAL A 335 -4.91 -18.82 6.28
C VAL A 335 -5.87 -19.96 5.92
N LYS A 336 -6.22 -20.80 6.89
CA LYS A 336 -7.07 -21.95 6.61
C LYS A 336 -8.54 -21.59 6.57
N THR A 337 -8.90 -20.40 7.05
CA THR A 337 -10.26 -19.92 7.12
C THR A 337 -10.56 -19.04 5.92
N PHE A 338 -11.83 -18.68 5.78
CA PHE A 338 -12.17 -17.57 4.91
C PHE A 338 -11.56 -16.30 5.48
N ILE A 339 -11.42 -15.27 4.63
CA ILE A 339 -10.86 -13.98 5.03
C ILE A 339 -11.84 -12.87 4.65
N SER A 340 -12.32 -12.14 5.64
CA SER A 340 -13.15 -10.98 5.40
C SER A 340 -12.23 -9.77 5.33
N THR A 341 -12.36 -8.99 4.25
CA THR A 341 -11.60 -7.77 4.08
C THR A 341 -12.58 -6.75 3.57
N THR A 342 -12.16 -5.50 3.54
CA THR A 342 -12.95 -4.42 3.00
C THR A 342 -12.09 -3.69 1.99
N VAL A 343 -12.73 -3.04 1.02
CA VAL A 343 -11.98 -2.31 0.00
C VAL A 343 -11.71 -0.87 0.39
N LEU A 344 -12.21 -0.41 1.53
CA LEU A 344 -11.94 0.92 2.03
C LEU A 344 -10.86 0.88 3.12
N SER A 345 -10.04 1.92 3.14
CA SER A 345 -9.00 2.04 4.16
C SER A 345 -9.54 2.63 5.46
N ASN A 346 -10.77 3.11 5.47
CA ASN A 346 -11.33 3.78 6.63
C ASN A 346 -11.34 2.90 7.87
N ASN A 347 -11.03 3.51 9.01
CA ASN A 347 -11.20 2.79 10.27
C ASN A 347 -12.68 2.47 10.43
N ILE A 348 -12.97 1.44 11.24
CA ILE A 348 -14.33 0.94 11.42
C ILE A 348 -14.74 1.04 12.90
N SER A 349 -15.89 1.66 13.15
CA SER A 349 -16.33 1.87 14.52
C SER A 349 -16.22 0.59 15.37
N ALA A 350 -16.60 -0.55 14.80
CA ALA A 350 -16.62 -1.83 15.51
C ALA A 350 -15.25 -2.39 15.85
N PHE A 351 -14.17 -1.88 15.25
CA PHE A 351 -12.82 -2.34 15.53
C PHE A 351 -11.89 -1.14 15.63
N ALA A 352 -12.43 -0.04 16.10
CA ALA A 352 -11.71 1.19 16.10
C ALA A 352 -10.38 1.26 16.77
N LYS A 353 -10.16 0.42 17.75
CA LYS A 353 -8.93 0.48 18.54
C LYS A 353 -7.88 -0.53 18.10
N ARG A 354 -8.23 -1.52 17.27
CA ARG A 354 -7.23 -2.47 16.79
C ARG A 354 -6.06 -1.74 16.12
N LYS A 355 -4.84 -2.20 16.41
CA LYS A 355 -3.63 -1.50 16.00
C LYS A 355 -2.91 -2.17 14.84
N LEU A 356 -3.45 -3.24 14.29
CA LEU A 356 -2.81 -3.93 13.18
C LEU A 356 -3.74 -3.85 11.99
N ILE A 357 -3.32 -3.13 10.96
CA ILE A 357 -4.11 -2.90 9.77
C ILE A 357 -3.44 -3.64 8.60
N LEU A 358 -4.05 -4.75 8.19
CA LEU A 358 -3.60 -5.49 7.01
C LEU A 358 -3.99 -4.72 5.76
N ARG A 359 -3.01 -4.46 4.89
CA ARG A 359 -3.24 -3.85 3.57
C ARG A 359 -2.86 -4.91 2.55
N LEU A 360 -3.86 -5.69 2.11
CA LEU A 360 -3.62 -6.93 1.39
C LEU A 360 -3.77 -6.73 -0.12
N HIS A 361 -2.71 -7.05 -0.87
CA HIS A 361 -2.78 -7.09 -2.33
C HIS A 361 -3.49 -8.39 -2.75
N LEU A 362 -4.63 -8.26 -3.42
CA LEU A 362 -5.44 -9.39 -3.82
C LEU A 362 -5.28 -9.61 -5.32
N PRO A 363 -4.51 -10.60 -5.75
CA PRO A 363 -4.20 -10.74 -7.19
C PRO A 363 -5.41 -11.03 -8.07
N ASN A 364 -5.36 -10.48 -9.28
CA ASN A 364 -6.18 -10.92 -10.40
C ASN A 364 -6.23 -12.44 -10.42
N GLY A 365 -7.45 -12.99 -10.48
CA GLY A 365 -7.61 -14.43 -10.51
C GLY A 365 -7.85 -15.08 -9.18
N SER A 366 -7.80 -14.32 -8.08
CA SER A 366 -8.10 -14.87 -6.76
C SER A 366 -9.58 -15.23 -6.63
N ASN A 367 -9.85 -16.31 -5.91
CA ASN A 367 -11.22 -16.77 -5.63
C ASN A 367 -11.75 -15.96 -4.47
N ALA A 368 -12.44 -14.88 -4.77
CA ALA A 368 -12.93 -13.96 -3.76
C ALA A 368 -14.04 -13.18 -4.42
N ALA A 369 -14.94 -12.62 -3.60
CA ALA A 369 -16.10 -11.96 -4.16
C ALA A 369 -16.38 -10.67 -3.40
N TYR A 370 -16.82 -9.63 -4.12
CA TYR A 370 -17.36 -8.45 -3.47
C TYR A 370 -18.78 -8.81 -2.95
N VAL A 371 -18.84 -9.40 -1.76
CA VAL A 371 -20.13 -9.82 -1.23
C VAL A 371 -21.06 -8.65 -0.91
N SER A 372 -20.56 -7.41 -0.95
CA SER A 372 -21.40 -6.27 -0.57
C SER A 372 -22.32 -5.79 -1.69
N VAL A 373 -22.47 -6.57 -2.77
CA VAL A 373 -23.54 -6.30 -3.75
C VAL A 373 -24.89 -6.66 -3.15
N ALA A 374 -24.89 -7.62 -2.22
CA ALA A 374 -26.08 -7.95 -1.44
C ALA A 374 -26.49 -6.75 -0.59
N GLU A 375 -27.71 -6.27 -0.84
CA GLU A 375 -28.17 -4.97 -0.36
C GLU A 375 -28.00 -4.82 1.17
N GLY A 376 -28.03 -5.94 1.89
CA GLY A 376 -27.83 -5.90 3.33
C GLY A 376 -26.48 -5.36 3.77
N TYR A 377 -25.42 -5.68 3.00
CA TYR A 377 -24.04 -5.33 3.34
C TYR A 377 -23.45 -4.26 2.43
N LYS A 378 -24.30 -3.53 1.70
CA LYS A 378 -23.84 -2.46 0.82
C LYS A 378 -22.84 -1.53 1.52
N ASN A 379 -23.22 -0.97 2.68
CA ASN A 379 -22.37 -0.02 3.42
C ASN A 379 -21.20 -0.68 4.13
N GLU A 380 -20.94 -1.99 3.95
CA GLU A 380 -19.82 -2.64 4.60
C GLU A 380 -18.65 -2.87 3.65
N TYR A 381 -18.87 -2.77 2.34
CA TYR A 381 -17.82 -2.76 1.30
C TYR A 381 -16.87 -3.95 1.41
N GLU A 382 -17.41 -5.13 1.69
CA GLU A 382 -16.61 -6.31 1.98
C GLU A 382 -16.25 -7.11 0.74
N VAL A 383 -15.05 -7.69 0.77
CA VAL A 383 -14.61 -8.74 -0.14
C VAL A 383 -14.35 -9.96 0.73
N LEU A 384 -15.00 -11.07 0.42
CA LEU A 384 -14.79 -12.32 1.15
C LEU A 384 -13.86 -13.21 0.32
N ILE A 385 -12.80 -13.73 0.95
CA ILE A 385 -11.76 -14.49 0.27
C ILE A 385 -11.90 -15.96 0.64
N ASP A 386 -11.73 -16.84 -0.34
CA ASP A 386 -11.91 -18.27 -0.12
C ASP A 386 -10.84 -18.79 0.83
N HIS A 387 -11.16 -19.90 1.50
CA HIS A 387 -10.30 -20.47 2.52
C HIS A 387 -9.05 -21.10 1.88
N GLY A 388 -8.00 -21.23 2.70
CA GLY A 388 -6.83 -21.97 2.29
C GLY A 388 -5.78 -21.22 1.50
N TYR A 389 -5.83 -19.90 1.43
CA TYR A 389 -4.75 -19.13 0.82
C TYR A 389 -3.67 -18.83 1.86
N SER A 390 -2.59 -18.21 1.39
CA SER A 390 -1.56 -17.68 2.28
C SER A 390 -1.28 -16.24 1.88
N TYR A 391 -0.66 -15.50 2.78
CA TYR A 391 -0.14 -14.20 2.43
C TYR A 391 1.26 -14.03 3.00
N LYS A 392 2.09 -13.29 2.27
CA LYS A 392 3.44 -12.94 2.71
C LYS A 392 3.48 -11.48 3.13
N ILE A 393 4.15 -11.21 4.24
CA ILE A 393 4.30 -9.84 4.75
C ILE A 393 5.41 -9.12 3.99
N ASP A 394 5.06 -8.03 3.31
CA ASP A 394 5.97 -7.25 2.49
C ASP A 394 6.61 -6.07 3.21
N ASN A 395 5.81 -5.32 3.97
CA ASN A 395 6.23 -4.08 4.59
C ASN A 395 5.40 -3.86 5.85
N ILE A 396 5.98 -3.16 6.81
CA ILE A 396 5.28 -2.74 8.02
C ILE A 396 5.58 -1.27 8.23
N THR A 397 4.51 -0.48 8.42
CA THR A 397 4.62 0.98 8.41
C THR A 397 3.81 1.57 9.56
N GLU A 398 4.47 2.30 10.45
CA GLU A 398 3.78 2.88 11.59
C GLU A 398 3.23 4.25 11.24
N TYR A 399 2.08 4.57 11.83
CA TYR A 399 1.58 5.93 11.84
C TYR A 399 0.82 6.13 13.14
N TYR A 400 0.49 7.38 13.44
CA TYR A 400 -0.16 7.70 14.70
C TYR A 400 -1.63 8.05 14.49
N ASP A 401 -2.50 7.37 15.21
CA ASP A 401 -3.94 7.65 15.22
C ASP A 401 -4.23 8.56 16.42
N GLU A 402 -4.51 9.84 16.16
CA GLU A 402 -4.61 10.80 17.25
C GLU A 402 -6.00 10.80 17.87
N SER A 403 -6.97 10.23 17.18
CA SER A 403 -8.34 10.26 17.68
C SER A 403 -8.48 9.45 18.96
N SER A 404 -9.47 9.83 19.76
CA SER A 404 -9.74 9.13 21.01
C SER A 404 -10.50 7.85 20.77
N LEU A 405 -11.39 7.83 19.78
CA LEU A 405 -12.06 6.57 19.42
C LEU A 405 -11.05 5.58 18.86
N GLY A 406 -10.07 6.06 18.10
CA GLY A 406 -9.04 5.20 17.56
C GLY A 406 -8.05 4.72 18.59
N GLY A 407 -7.94 5.43 19.71
CA GLY A 407 -7.10 5.02 20.81
C GLY A 407 -5.85 5.84 21.08
N LYS A 408 -5.68 6.99 20.43
CA LYS A 408 -4.49 7.84 20.62
C LYS A 408 -3.23 6.98 20.71
N THR A 409 -3.05 6.12 19.70
CA THR A 409 -1.93 5.20 19.69
C THR A 409 -1.29 5.08 18.30
N ASN A 410 -0.04 4.63 18.31
CA ASN A 410 0.59 4.21 17.07
C ASN A 410 -0.13 2.98 16.53
N LYS A 411 -0.20 2.86 15.21
CA LYS A 411 -0.74 1.68 14.57
C LYS A 411 0.17 1.25 13.42
N LEU A 412 0.13 -0.05 13.11
CA LEU A 412 0.99 -0.63 12.07
C LEU A 412 0.18 -0.98 10.84
N ILE A 413 0.63 -0.47 9.69
CA ILE A 413 0.07 -0.83 8.40
C ILE A 413 0.89 -1.99 7.86
N ILE A 414 0.29 -3.18 7.81
CA ILE A 414 1.00 -4.39 7.40
C ILE A 414 0.68 -4.70 5.93
N ASP A 415 1.58 -4.29 5.03
CA ASP A 415 1.42 -4.57 3.62
C ASP A 415 1.67 -6.05 3.37
N ALA A 416 0.81 -6.68 2.58
CA ALA A 416 0.89 -8.12 2.31
C ALA A 416 0.43 -8.45 0.90
N THR A 417 0.81 -9.63 0.43
CA THR A 417 0.42 -10.16 -0.88
C THR A 417 -0.16 -11.56 -0.72
N LEU A 418 -1.39 -11.75 -1.18
CA LEU A 418 -1.99 -13.08 -1.15
C LEU A 418 -1.24 -14.02 -2.09
N ILE A 419 -0.87 -15.21 -1.61
CA ILE A 419 -0.18 -16.18 -2.48
C ILE A 419 -0.88 -17.56 -2.50
#